data_3UE2
#
_entry.id   3UE2
#
_cell.length_a   36.640
_cell.length_b   49.995
_cell.length_c   55.130
_cell.angle_alpha   90.00
_cell.angle_beta   90.00
_cell.angle_gamma   90.00
#
_symmetry.space_group_name_H-M   'P 21 21 21'
#
loop_
_entity.id
_entity.type
_entity.pdbx_description
1 polymer 'Poly(U)-binding-splicing factor PUF60'
2 non-polymer 'SULFATE ION'
3 water water
#
_entity_poly.entity_id   1
_entity_poly.type   'polypeptide(L)'
_entity_poly.pdbx_seq_one_letter_code
;GSGSSARH(MSE)V(MSE)QKLLRKQESTV(MSE)VLRN(MSE)VDPKDIDDDLEGEVTEECGKFGAVNRVIIYQEKQGE
EEDAEIIVKIFVEFSIASETHKAIQALNGRWFAGRKVVAEVYDQERFDNSDLSA
;
_entity_poly.pdbx_strand_id   A
#
loop_
_chem_comp.id
_chem_comp.type
_chem_comp.name
_chem_comp.formula
SO4 non-polymer 'SULFATE ION' 'O4 S -2'
#
# COMPACT_ATOMS: atom_id res chain seq x y z
N GLY A 1 4.35 35.20 -12.06
CA GLY A 1 3.48 34.64 -10.99
C GLY A 1 2.06 34.41 -11.46
N SER A 2 1.10 34.42 -10.51
CA SER A 2 -0.32 34.16 -10.80
C SER A 2 -0.47 32.94 -11.80
N GLY A 3 0.25 31.85 -11.53
CA GLY A 3 0.13 30.65 -12.28
C GLY A 3 1.20 30.39 -13.34
N SER A 4 2.11 31.36 -13.58
CA SER A 4 3.09 31.20 -14.65
C SER A 4 4.06 30.06 -14.42
N SER A 5 4.54 29.88 -13.20
CA SER A 5 5.48 28.79 -12.97
C SER A 5 4.78 27.43 -13.20
N ALA A 6 3.55 27.32 -12.73
CA ALA A 6 2.77 26.08 -12.98
C ALA A 6 2.46 25.80 -14.47
N ARG A 7 2.18 26.85 -15.22
CA ARG A 7 2.00 26.72 -16.67
C ARG A 7 3.27 26.24 -17.37
N HIS A 8 4.42 26.57 -16.80
CA HIS A 8 5.70 26.10 -17.28
C HIS A 8 6.18 24.82 -16.58
N MSE A 9 5.31 24.24 -15.77
CA MSE A 9 5.53 22.98 -15.07
C MSE A 9 6.78 23.01 -14.17
O MSE A 9 7.44 22.01 -13.98
CB MSE A 9 5.59 21.77 -16.06
CG MSE A 9 4.26 21.61 -16.79
SE MSE A 9 4.27 20.17 -18.06
CE MSE A 9 5.26 21.09 -19.46
N VAL A 10 7.02 24.17 -13.57
CA VAL A 10 8.24 24.36 -12.81
C VAL A 10 8.26 23.46 -11.58
N MSE A 11 9.34 22.67 -11.50
CA MSE A 11 9.63 21.67 -10.46
C MSE A 11 8.66 20.49 -10.38
O MSE A 11 8.80 19.64 -9.52
CB MSE A 11 9.89 22.32 -9.08
CG MSE A 11 11.19 23.23 -9.03
SE MSE A 11 12.77 22.10 -9.18
CE MSE A 11 14.13 23.53 -9.40
N GLN A 12 7.77 20.37 -11.35
CA GLN A 12 6.81 19.26 -11.31
C GLN A 12 7.45 17.89 -11.45
N LYS A 13 8.43 17.79 -12.32
CA LYS A 13 9.10 16.50 -12.60
CA LYS A 13 9.06 16.49 -12.59
C LYS A 13 9.82 15.99 -11.37
N LEU A 14 10.52 16.88 -10.68
CA LEU A 14 11.19 16.50 -9.45
C LEU A 14 10.22 16.13 -8.36
N LEU A 15 9.20 16.95 -8.16
CA LEU A 15 8.18 16.60 -7.16
C LEU A 15 7.57 15.23 -7.46
N ARG A 16 7.27 14.96 -8.70
CA ARG A 16 6.68 13.71 -9.06
C ARG A 16 7.62 12.54 -8.71
N LYS A 17 8.91 12.70 -9.04
CA LYS A 17 9.89 11.69 -8.73
C LYS A 17 9.95 11.36 -7.25
N GLN A 18 9.67 12.33 -6.41
CA GLN A 18 9.76 12.14 -4.98
C GLN A 18 8.48 11.58 -4.36
N GLU A 19 7.40 11.46 -5.14
CA GLU A 19 6.17 10.91 -4.62
CA GLU A 19 6.15 10.90 -4.63
C GLU A 19 6.27 9.40 -4.44
N SER A 20 5.85 8.92 -3.29
CA SER A 20 5.86 7.49 -3.09
C SER A 20 4.86 6.81 -4.03
N THR A 21 5.20 5.59 -4.48
CA THR A 21 4.29 4.80 -5.24
C THR A 21 3.79 3.59 -4.48
N VAL A 22 4.11 3.52 -3.22
CA VAL A 22 3.80 2.38 -2.39
C VAL A 22 2.49 2.60 -1.58
N MSE A 23 1.60 1.62 -1.71
CA MSE A 23 0.42 1.53 -0.87
C MSE A 23 0.62 0.46 0.17
O MSE A 23 1.11 -0.61 -0.14
CB MSE A 23 -0.84 1.20 -1.74
CG MSE A 23 -2.09 0.97 -0.97
SE MSE A 23 -3.62 0.62 -2.10
CE MSE A 23 -3.15 -1.20 -2.70
N VAL A 24 0.14 0.71 1.41
CA VAL A 24 0.04 -0.34 2.41
C VAL A 24 -1.47 -0.56 2.72
N LEU A 25 -1.83 -1.83 2.78
CA LEU A 25 -3.14 -2.26 3.20
C LEU A 25 -2.98 -2.87 4.56
N ARG A 26 -3.61 -2.25 5.54
CA ARG A 26 -3.31 -2.56 6.98
C ARG A 26 -4.31 -3.41 7.63
N ASN A 27 -3.90 -4.60 8.10
CA ASN A 27 -4.81 -5.49 8.86
C ASN A 27 -6.05 -5.86 8.03
N MSE A 28 -5.91 -5.98 6.67
CA MSE A 28 -7.07 -6.33 5.83
CA MSE A 28 -7.01 -6.34 5.75
C MSE A 28 -7.35 -7.84 5.82
O MSE A 28 -8.51 -8.24 5.73
CB MSE A 28 -6.90 -5.83 4.41
CB MSE A 28 -6.61 -5.97 4.30
CG MSE A 28 -8.22 -5.89 3.58
CG MSE A 28 -7.32 -6.75 3.23
SE MSE A 28 -7.97 -5.46 1.75
SE MSE A 28 -7.33 -5.89 1.53
CE MSE A 28 -7.07 -7.19 1.26
CE MSE A 28 -9.13 -6.21 1.29
N VAL A 29 -6.33 -8.65 5.85
CA VAL A 29 -6.47 -10.10 5.91
C VAL A 29 -5.90 -10.59 7.22
N ASP A 30 -6.20 -11.86 7.55
CA ASP A 30 -5.60 -12.53 8.72
C ASP A 30 -4.55 -13.49 8.31
N PRO A 31 -3.66 -13.86 9.26
CA PRO A 31 -2.53 -14.75 8.93
C PRO A 31 -2.93 -16.06 8.18
N LYS A 32 -4.07 -16.66 8.56
CA LYS A 32 -4.58 -17.91 7.89
C LYS A 32 -4.79 -17.73 6.37
N ASP A 33 -5.03 -16.50 5.95
CA ASP A 33 -5.27 -16.20 4.55
C ASP A 33 -4.01 -16.19 3.74
N ILE A 34 -2.84 -16.21 4.39
CA ILE A 34 -1.60 -16.08 3.62
C ILE A 34 -1.21 -17.44 3.11
N ASP A 35 -1.45 -17.67 1.81
CA ASP A 35 -1.06 -18.94 1.15
C ASP A 35 -0.19 -18.62 -0.05
N ASP A 36 0.20 -19.64 -0.84
CA ASP A 36 1.11 -19.40 -1.99
C ASP A 36 0.48 -18.64 -3.13
N ASP A 37 -0.83 -18.33 -2.97
CA ASP A 37 -1.60 -17.57 -3.95
C ASP A 37 -1.83 -16.09 -3.57
N LEU A 38 -1.76 -15.71 -2.30
CA LEU A 38 -2.22 -14.36 -1.88
C LEU A 38 -1.51 -13.20 -2.60
N GLU A 39 -0.18 -13.29 -2.68
CA GLU A 39 0.58 -12.24 -3.30
C GLU A 39 0.12 -12.07 -4.74
N GLY A 40 -0.08 -13.17 -5.46
CA GLY A 40 -0.58 -13.15 -6.80
C GLY A 40 -1.98 -12.61 -6.91
N GLU A 41 -2.86 -12.97 -5.98
CA GLU A 41 -4.22 -12.44 -5.96
C GLU A 41 -4.26 -10.91 -5.79
N VAL A 42 -3.44 -10.42 -4.87
CA VAL A 42 -3.34 -8.98 -4.68
C VAL A 42 -2.74 -8.29 -5.91
N THR A 43 -1.68 -8.87 -6.49
CA THR A 43 -1.08 -8.34 -7.71
C THR A 43 -2.11 -8.20 -8.80
N GLU A 44 -2.80 -9.30 -9.10
CA GLU A 44 -3.81 -9.32 -10.16
CA GLU A 44 -3.80 -9.28 -10.17
C GLU A 44 -4.86 -8.27 -9.92
N GLU A 45 -5.39 -8.24 -8.68
CA GLU A 45 -6.44 -7.31 -8.39
C GLU A 45 -6.01 -5.87 -8.63
N CYS A 46 -4.81 -5.54 -8.17
CA CYS A 46 -4.34 -4.19 -8.26
C CYS A 46 -4.02 -3.72 -9.69
N GLY A 47 -3.99 -4.66 -10.65
CA GLY A 47 -3.95 -4.29 -12.04
C GLY A 47 -5.17 -3.54 -12.56
N LYS A 48 -6.24 -3.51 -11.75
CA LYS A 48 -7.37 -2.63 -12.05
C LYS A 48 -7.06 -1.17 -11.78
N PHE A 49 -5.95 -0.89 -11.09
CA PHE A 49 -5.58 0.49 -10.73
C PHE A 49 -4.30 0.96 -11.43
N GLY A 50 -3.39 0.04 -11.74
CA GLY A 50 -2.14 0.43 -12.29
C GLY A 50 -1.23 -0.73 -12.58
N ALA A 51 -0.07 -0.41 -13.15
CA ALA A 51 1.02 -1.36 -13.32
C ALA A 51 1.64 -1.63 -11.91
N VAL A 52 1.67 -2.88 -11.51
CA VAL A 52 2.18 -3.26 -10.22
C VAL A 52 3.63 -3.75 -10.39
N ASN A 53 4.55 -3.12 -9.67
CA ASN A 53 5.95 -3.54 -9.68
C ASN A 53 6.14 -4.81 -8.84
N ARG A 54 5.64 -4.79 -7.62
CA ARG A 54 5.84 -5.89 -6.67
C ARG A 54 4.89 -5.71 -5.48
N VAL A 55 4.71 -6.83 -4.78
CA VAL A 55 3.88 -6.92 -3.58
CA VAL A 55 3.95 -6.84 -3.56
C VAL A 55 4.69 -7.67 -2.51
N ILE A 56 4.64 -7.15 -1.27
CA ILE A 56 5.26 -7.81 -0.12
C ILE A 56 4.24 -7.95 0.95
N ILE A 57 4.15 -9.16 1.51
CA ILE A 57 3.23 -9.46 2.61
CA ILE A 57 3.26 -9.43 2.62
C ILE A 57 4.09 -9.61 3.88
N TYR A 58 3.75 -8.87 4.94
CA TYR A 58 4.51 -8.86 6.16
C TYR A 58 3.64 -9.12 7.36
N GLN A 59 4.00 -10.11 8.15
CA GLN A 59 3.29 -10.44 9.39
C GLN A 59 4.00 -9.78 10.55
N GLU A 60 3.47 -8.67 10.97
CA GLU A 60 4.16 -7.86 11.96
C GLU A 60 3.70 -8.27 13.37
N LYS A 61 4.68 -8.57 14.25
CA LYS A 61 4.38 -8.87 15.67
C LYS A 61 4.03 -7.62 16.41
N GLN A 62 3.01 -7.70 17.28
CA GLN A 62 2.61 -6.56 18.15
C GLN A 62 3.00 -6.97 19.54
N GLY A 63 4.22 -6.75 19.89
CA GLY A 63 4.74 -7.17 21.17
C GLY A 63 5.86 -8.17 20.95
N GLU A 64 6.57 -8.43 21.99
CA GLU A 64 7.79 -9.24 21.90
C GLU A 64 7.58 -10.67 22.33
N GLU A 65 6.39 -10.99 22.76
N GLU A 65 6.43 -10.98 22.93
CA GLU A 65 6.10 -12.27 23.33
CA GLU A 65 6.21 -12.32 23.45
C GLU A 65 5.88 -13.37 22.30
C GLU A 65 5.83 -13.35 22.38
N GLU A 66 6.01 -14.62 22.72
CA GLU A 66 5.86 -15.74 21.79
C GLU A 66 4.47 -15.74 21.15
N ASP A 67 3.45 -15.31 21.93
CA ASP A 67 2.04 -15.33 21.56
CA ASP A 67 2.06 -15.32 21.30
C ASP A 67 1.51 -13.93 21.19
N ALA A 68 2.41 -12.96 20.99
CA ALA A 68 2.00 -11.62 20.56
C ALA A 68 1.11 -11.72 19.30
N GLU A 69 0.10 -10.86 19.19
CA GLU A 69 -0.74 -10.88 18.05
C GLU A 69 0.05 -10.42 16.82
N ILE A 70 -0.42 -10.85 15.67
CA ILE A 70 0.12 -10.47 14.37
C ILE A 70 -0.84 -9.52 13.65
N ILE A 71 -0.29 -8.51 13.01
CA ILE A 71 -1.06 -7.68 12.08
C ILE A 71 -0.42 -7.89 10.71
N VAL A 72 -1.26 -8.30 9.73
CA VAL A 72 -0.79 -8.47 8.36
C VAL A 72 -0.81 -7.11 7.64
N LYS A 73 0.34 -6.75 7.10
CA LYS A 73 0.51 -5.58 6.27
C LYS A 73 0.87 -6.02 4.83
N ILE A 74 0.10 -5.53 3.85
CA ILE A 74 0.34 -5.86 2.46
C ILE A 74 0.83 -4.60 1.78
N PHE A 75 2.02 -4.67 1.20
CA PHE A 75 2.58 -3.53 0.49
C PHE A 75 2.47 -3.78 -1.00
N VAL A 76 1.99 -2.78 -1.74
CA VAL A 76 1.88 -2.84 -3.17
C VAL A 76 2.65 -1.62 -3.74
N GLU A 77 3.72 -1.88 -4.51
CA GLU A 77 4.44 -0.83 -5.14
C GLU A 77 3.98 -0.73 -6.57
N PHE A 78 3.40 0.43 -6.92
CA PHE A 78 2.93 0.68 -8.27
C PHE A 78 4.02 1.37 -9.09
N SER A 79 3.82 1.40 -10.40
CA SER A 79 4.82 2.03 -11.25
C SER A 79 4.87 3.54 -11.10
N ILE A 80 3.71 4.17 -10.89
CA ILE A 80 3.60 5.63 -10.77
C ILE A 80 2.63 5.97 -9.63
N ALA A 81 2.87 7.07 -9.00
CA ALA A 81 2.10 7.50 -7.81
C ALA A 81 0.64 7.72 -8.06
N SER A 82 0.29 8.14 -9.26
CA SER A 82 -1.11 8.34 -9.57
CA SER A 82 -1.12 8.35 -9.57
C SER A 82 -1.90 7.03 -9.41
N GLU A 83 -1.27 5.93 -9.79
CA GLU A 83 -1.87 4.61 -9.68
C GLU A 83 -2.12 4.21 -8.21
N THR A 84 -1.13 4.52 -7.36
CA THR A 84 -1.21 4.28 -5.96
C THR A 84 -2.43 4.99 -5.39
N HIS A 85 -2.61 6.23 -5.82
CA HIS A 85 -3.74 7.02 -5.33
C HIS A 85 -5.09 6.55 -5.82
N LYS A 86 -5.18 6.11 -7.07
CA LYS A 86 -6.41 5.48 -7.58
CA LYS A 86 -6.39 5.51 -7.61
C LYS A 86 -6.78 4.26 -6.76
N ALA A 87 -5.79 3.42 -6.47
CA ALA A 87 -6.00 2.23 -5.70
C ALA A 87 -6.52 2.60 -4.30
N ILE A 88 -5.84 3.55 -3.64
CA ILE A 88 -6.27 3.97 -2.32
C ILE A 88 -7.73 4.48 -2.34
N GLN A 89 -8.07 5.27 -3.35
CA GLN A 89 -9.45 5.80 -3.44
C GLN A 89 -10.48 4.70 -3.56
N ALA A 90 -10.13 3.62 -4.26
CA ALA A 90 -11.06 2.51 -4.47
C ALA A 90 -11.15 1.53 -3.30
N LEU A 91 -10.10 1.49 -2.46
CA LEU A 91 -9.99 0.49 -1.39
C LEU A 91 -10.22 1.05 0.02
N ASN A 92 -9.73 2.25 0.30
CA ASN A 92 -9.75 2.75 1.64
C ASN A 92 -11.17 2.89 2.14
N GLY A 93 -11.42 2.43 3.38
CA GLY A 93 -12.71 2.63 4.01
C GLY A 93 -13.75 1.61 3.65
N ARG A 94 -13.46 0.68 2.74
CA ARG A 94 -14.42 -0.34 2.39
C ARG A 94 -14.48 -1.39 3.46
N TRP A 95 -15.54 -2.16 3.42
CA TRP A 95 -15.72 -3.32 4.28
C TRP A 95 -15.37 -4.54 3.50
N PHE A 96 -14.41 -5.28 4.02
N PHE A 96 -14.45 -5.30 3.97
CA PHE A 96 -13.89 -6.53 3.45
CA PHE A 96 -14.18 -6.50 3.28
C PHE A 96 -14.43 -7.60 4.39
C PHE A 96 -14.43 -7.62 4.26
N ALA A 97 -15.65 -8.14 4.09
CA ALA A 97 -16.33 -9.02 5.00
C ALA A 97 -16.56 -8.12 6.23
N GLY A 98 -16.07 -8.52 7.35
CA GLY A 98 -16.27 -7.79 8.60
C GLY A 98 -15.14 -6.88 9.07
N ARG A 99 -14.17 -6.61 8.16
CA ARG A 99 -13.00 -5.82 8.47
CA ARG A 99 -13.03 -5.77 8.50
CA ARG A 99 -13.02 -5.79 8.50
CA ARG A 99 -12.97 -5.81 8.46
C ARG A 99 -13.02 -4.54 7.64
N LYS A 100 -12.88 -3.38 8.27
CA LYS A 100 -12.78 -2.14 7.52
CA LYS A 100 -12.78 -2.14 7.49
C LYS A 100 -11.37 -2.03 6.96
N VAL A 101 -11.28 -1.74 5.66
CA VAL A 101 -10.00 -1.66 4.93
C VAL A 101 -9.33 -0.33 5.21
N VAL A 102 -8.05 -0.36 5.56
CA VAL A 102 -7.25 0.82 5.70
C VAL A 102 -6.15 0.75 4.61
N ALA A 103 -6.23 1.67 3.65
CA ALA A 103 -5.31 1.73 2.51
C ALA A 103 -4.69 3.14 2.54
N GLU A 104 -3.34 3.19 2.56
CA GLU A 104 -2.63 4.43 2.71
C GLU A 104 -1.35 4.41 1.92
N VAL A 105 -0.84 5.59 1.64
CA VAL A 105 0.52 5.70 1.08
CA VAL A 105 0.48 5.68 1.06
C VAL A 105 1.52 5.33 2.15
N TYR A 106 2.53 4.56 1.75
CA TYR A 106 3.63 4.17 2.63
C TYR A 106 4.90 4.86 2.16
N ASP A 107 5.72 5.34 3.09
CA ASP A 107 6.92 6.09 2.74
C ASP A 107 7.82 5.27 1.80
N GLN A 108 8.25 5.91 0.72
CA GLN A 108 9.05 5.21 -0.29
C GLN A 108 10.42 4.85 0.22
N GLU A 109 11.03 5.75 0.98
CA GLU A 109 12.36 5.52 1.51
C GLU A 109 12.35 4.41 2.52
N ARG A 110 11.34 4.37 3.38
CA ARG A 110 11.22 3.22 4.29
C ARG A 110 11.10 1.93 3.48
N PHE A 111 10.19 1.92 2.52
CA PHE A 111 9.98 0.72 1.74
C PHE A 111 11.24 0.27 1.01
N ASP A 112 11.94 1.22 0.41
CA ASP A 112 13.15 0.88 -0.35
C ASP A 112 14.23 0.30 0.56
N ASN A 113 14.21 0.68 1.83
CA ASN A 113 15.11 0.17 2.85
C ASN A 113 14.63 -1.12 3.52
N SER A 114 13.48 -1.60 3.10
CA SER A 114 12.81 -2.76 3.74
C SER A 114 12.45 -2.52 5.19
N ASP A 115 12.15 -1.29 5.50
CA ASP A 115 11.60 -0.92 6.82
C ASP A 115 10.09 -0.96 6.66
N LEU A 116 9.51 -2.08 7.07
CA LEU A 116 8.08 -2.32 6.93
C LEU A 116 7.31 -2.09 8.24
N SER A 117 7.94 -1.34 9.14
CA SER A 117 7.37 -1.17 10.52
C SER A 117 6.40 -0.04 10.77
N ALA A 118 6.23 0.88 9.84
CA ALA A 118 5.40 2.09 10.03
C ALA A 118 3.97 1.91 9.52
S SO4 B . 3.09 30.38 -9.93
O1 SO4 B . 2.53 29.28 -10.77
O2 SO4 B . 4.00 31.19 -10.78
O3 SO4 B . 1.97 31.23 -9.38
O4 SO4 B . 3.84 29.76 -8.78
S SO4 C . 0.59 14.25 -11.99
O1 SO4 C . 0.47 12.81 -11.85
O2 SO4 C . 1.89 14.57 -12.56
O3 SO4 C . -0.47 14.74 -12.85
O4 SO4 C . 0.46 14.89 -10.67
#